data_6XHI
#
_entry.id   6XHI
#
loop_
_entity.id
_entity.type
_entity.pdbx_description
1 polymer 'Thermosome subunit beta'
2 non-polymer "ADENOSINE-5'-DIPHOSPHATE"
#
_entity_poly.entity_id   1
_entity_poly.type   'polypeptide(L)'
_entity_poly.pdbx_seq_one_letter_code
;MATATVATTPEGIPVIILKEGSSRTYGKEALRANIAAVKAIEEALKSTYGPRGMDKMLVDSLGDITITNDGATILDKMDL
QHPTGKLLVQIAKGQDEETADGTKTAVILAGELAKKAEDLLYKEIHPTIIVSGYKKAEEIALKTIQEIAQPVTINDTDVL
RKVALTSLGSKAVAGAREYLADLVVKAVAQVAELRGDKWYVDLDNVQIVKKHGGSVNDTQLVYGIVVDKEVVHPGMPKRI
ENAKIALLDASLEVEKPELDAEIRINDPTQMHKFLEEEENILKEKVDKIAATGANVVICQKGIDEVAQHYLAKKGILAVR
RAKKSDLEKLARATGGRVISNIDELTSQDLGYAALVEERKVGEDKMVFVEGAKNPKSVSILIRGGLERVVDETERALRDA
LGTVADVIRDGRAVAGGGAVEIEIAKRLRKYAPQVGGKEQLAIEAYANAIEGLIMILAENAGLDPIDKLMQLRSLHENET
NKWYGLNLFTGNPEDMWKLGVIEPALVKMNAVKAATEAVTLVLRIDDIVAAGKKSGSEPSGKKEKDKEEKSSED
;
_entity_poly.pdbx_strand_id   A
#
loop_
_chem_comp.id
_chem_comp.type
_chem_comp.name
_chem_comp.formula
ADP non-polymer ADENOSINE-5'-DIPHOSPHATE 'C10 H15 N5 O10 P2'
#
# COMPACT_ATOMS: atom_id res chain seq x y z
N GLY A 21 29.46 -22.10 -27.66
CA GLY A 21 29.80 -20.68 -27.63
C GLY A 21 29.41 -20.07 -26.31
N SER A 22 30.33 -19.39 -25.68
CA SER A 22 30.23 -18.90 -24.32
C SER A 22 30.83 -17.51 -24.18
N SER A 23 30.25 -16.68 -23.33
CA SER A 23 30.55 -15.24 -23.28
C SER A 23 30.88 -14.85 -21.85
N ARG A 24 31.89 -13.99 -21.68
CA ARG A 24 32.53 -13.73 -20.39
C ARG A 24 32.75 -12.23 -20.18
N THR A 25 32.54 -11.75 -18.97
CA THR A 25 32.75 -10.35 -18.57
C THR A 25 33.58 -10.28 -17.29
N TYR A 26 34.57 -9.37 -17.23
CA TYR A 26 35.77 -9.52 -16.42
C TYR A 26 36.30 -8.23 -15.74
N GLY A 27 36.89 -8.39 -14.55
CA GLY A 27 37.81 -7.41 -13.95
C GLY A 27 37.15 -6.12 -13.49
N LYS A 28 37.91 -5.02 -13.45
CA LYS A 28 37.35 -3.68 -13.15
C LYS A 28 36.19 -3.33 -14.08
N GLU A 29 36.28 -3.74 -15.33
CA GLU A 29 35.31 -3.45 -16.37
C GLU A 29 33.96 -4.11 -16.11
N ALA A 30 33.93 -5.29 -15.48
CA ALA A 30 32.69 -5.88 -15.01
C ALA A 30 31.99 -5.02 -13.94
N LEU A 31 32.75 -4.41 -13.02
CA LEU A 31 32.16 -3.45 -12.12
C LEU A 31 31.68 -2.22 -12.87
N ARG A 32 32.46 -1.66 -13.80
CA ARG A 32 32.03 -0.47 -14.54
C ARG A 32 30.79 -0.74 -15.39
N ALA A 33 30.64 -1.93 -15.96
CA ALA A 33 29.42 -2.34 -16.65
C ALA A 33 28.22 -2.43 -15.68
N ASN A 34 28.36 -3.09 -14.55
CA ASN A 34 27.24 -3.28 -13.63
C ASN A 34 26.86 -2.00 -12.88
N ILE A 35 27.83 -1.19 -12.46
CA ILE A 35 27.57 0.15 -11.91
C ILE A 35 26.90 1.02 -12.98
N ALA A 36 27.32 0.96 -14.24
CA ALA A 36 26.63 1.70 -15.28
C ALA A 36 25.19 1.24 -15.44
N ALA A 37 24.91 -0.05 -15.35
CA ALA A 37 23.54 -0.52 -15.47
C ALA A 37 22.63 0.04 -14.38
N VAL A 38 23.07 0.01 -13.13
CA VAL A 38 22.24 0.56 -12.06
C VAL A 38 22.16 2.09 -12.10
N LYS A 39 23.21 2.77 -12.54
CA LYS A 39 23.07 4.20 -12.84
C LYS A 39 22.10 4.46 -13.98
N ALA A 40 21.97 3.56 -14.92
CA ALA A 40 21.02 3.74 -16.03
C ALA A 40 19.57 3.62 -15.57
N ILE A 41 19.23 2.59 -14.81
CA ILE A 41 17.85 2.48 -14.31
C ILE A 41 17.53 3.53 -13.24
N GLU A 42 18.53 3.98 -12.50
CA GLU A 42 18.36 5.16 -11.67
C GLU A 42 18.03 6.38 -12.52
N GLU A 43 18.83 6.66 -13.53
CA GLU A 43 18.56 7.82 -14.36
C GLU A 43 17.17 7.70 -14.99
N ALA A 44 16.74 6.51 -15.39
CA ALA A 44 15.42 6.28 -15.97
C ALA A 44 14.26 6.48 -14.99
N LEU A 45 14.52 6.67 -13.70
CA LEU A 45 13.52 6.88 -12.67
C LEU A 45 13.81 8.07 -11.75
N LYS A 46 15.01 8.66 -11.79
CA LYS A 46 15.43 9.75 -10.92
C LYS A 46 14.47 10.92 -10.87
N SER A 47 13.97 11.38 -12.01
CA SER A 47 13.11 12.55 -12.05
C SER A 47 11.74 12.31 -11.42
N THR A 48 11.28 11.06 -11.35
CA THR A 48 9.87 10.77 -10.93
C THR A 48 9.65 10.61 -9.41
N TYR A 49 10.61 10.95 -8.55
CA TYR A 49 10.37 10.90 -7.12
C TYR A 49 9.35 11.94 -6.73
N GLY A 50 8.26 11.49 -6.13
CA GLY A 50 7.06 12.28 -5.98
C GLY A 50 7.10 13.22 -4.80
N PRO A 51 5.96 13.82 -4.40
CA PRO A 51 4.68 13.80 -5.07
C PRO A 51 4.44 14.80 -6.21
N ARG A 52 5.06 15.98 -6.14
CA ARG A 52 5.08 16.94 -7.23
C ARG A 52 6.35 16.69 -8.02
N GLY A 53 6.25 16.67 -9.31
CA GLY A 53 7.30 16.29 -10.23
C GLY A 53 6.74 15.46 -11.38
N MET A 54 7.39 15.57 -12.52
CA MET A 54 6.92 15.04 -13.79
C MET A 54 6.82 13.52 -13.84
N ASP A 55 5.95 13.04 -14.71
CA ASP A 55 5.55 11.65 -14.87
C ASP A 55 5.94 11.10 -16.25
N LYS A 56 5.67 9.81 -16.47
CA LYS A 56 6.23 9.03 -17.59
C LYS A 56 5.16 8.21 -18.27
N MET A 57 5.31 8.01 -19.57
CA MET A 57 4.31 7.32 -20.38
C MET A 57 4.92 6.16 -21.13
N LEU A 58 4.15 5.09 -21.22
CA LEU A 58 4.58 3.84 -21.81
C LEU A 58 3.55 3.38 -22.83
N VAL A 59 4.03 2.96 -23.99
CA VAL A 59 3.19 2.62 -25.14
C VAL A 59 3.57 1.27 -25.74
N ASP A 60 2.56 0.53 -26.18
CA ASP A 60 2.73 -0.80 -26.75
C ASP A 60 3.04 -0.73 -28.26
N SER A 61 3.71 -1.74 -28.82
CA SER A 61 3.80 -1.94 -30.27
C SER A 61 2.42 -2.18 -30.92
N LEU A 62 1.42 -2.62 -30.15
CA LEU A 62 0.02 -2.60 -30.53
C LEU A 62 -0.60 -1.19 -30.60
N GLY A 63 0.12 -0.13 -30.21
CA GLY A 63 -0.34 1.26 -30.24
C GLY A 63 -1.11 1.73 -29.00
N ASP A 64 -1.24 0.90 -27.97
CA ASP A 64 -1.88 1.24 -26.69
C ASP A 64 -1.04 2.23 -25.86
N ILE A 65 -1.67 3.03 -24.98
CA ILE A 65 -1.02 4.15 -24.26
C ILE A 65 -1.37 4.11 -22.77
N THR A 66 -0.38 4.41 -21.92
CA THR A 66 -0.50 4.52 -20.46
C THR A 66 0.27 5.73 -19.94
N ILE A 67 -0.25 6.38 -18.90
CA ILE A 67 0.41 7.51 -18.22
C ILE A 67 0.46 7.18 -16.73
N THR A 68 1.64 7.22 -16.09
CA THR A 68 1.75 6.99 -14.63
C THR A 68 2.90 7.71 -13.94
N ASN A 69 2.70 8.08 -12.68
CA ASN A 69 3.79 8.38 -11.76
C ASN A 69 4.38 7.14 -11.05
N ASP A 70 3.67 6.01 -11.00
CA ASP A 70 3.98 4.96 -10.02
C ASP A 70 5.07 4.02 -10.53
N GLY A 71 6.20 4.07 -9.86
CA GLY A 71 7.32 3.21 -10.21
C GLY A 71 6.99 1.74 -10.23
N ALA A 72 6.15 1.28 -9.31
CA ALA A 72 5.80 -0.14 -9.32
C ALA A 72 5.01 -0.49 -10.58
N THR A 73 4.12 0.39 -10.98
CA THR A 73 3.40 0.25 -12.22
C THR A 73 4.33 0.40 -13.43
N ILE A 74 5.40 1.20 -13.35
CA ILE A 74 6.41 1.29 -14.41
C ILE A 74 7.23 0.01 -14.50
N LEU A 75 7.74 -0.48 -13.37
CA LEU A 75 8.59 -1.66 -13.36
C LEU A 75 7.83 -2.93 -13.63
N ASP A 76 6.51 -2.88 -13.60
CA ASP A 76 5.74 -3.96 -14.19
C ASP A 76 6.02 -4.13 -15.68
N LYS A 77 6.48 -3.10 -16.42
CA LYS A 77 6.62 -3.16 -17.89
C LYS A 77 7.91 -2.54 -18.47
N MET A 78 8.99 -2.51 -17.71
CA MET A 78 10.30 -2.04 -18.20
C MET A 78 11.06 -3.06 -19.04
N ASP A 79 12.09 -2.59 -19.74
CA ASP A 79 12.93 -3.31 -20.70
C ASP A 79 14.37 -3.44 -20.17
N LEU A 80 14.93 -4.65 -20.17
CA LEU A 80 15.95 -5.10 -19.22
C LEU A 80 16.99 -5.99 -19.89
N GLN A 81 18.08 -5.36 -20.34
CA GLN A 81 19.11 -6.07 -21.06
C GLN A 81 20.05 -6.83 -20.12
N HIS A 82 20.64 -6.15 -19.15
CA HIS A 82 21.54 -6.78 -18.18
C HIS A 82 20.80 -7.55 -17.12
N PRO A 83 21.30 -8.76 -16.81
CA PRO A 83 20.68 -9.64 -15.85
C PRO A 83 20.75 -9.10 -14.42
N THR A 84 21.84 -8.46 -14.05
CA THR A 84 21.99 -7.86 -12.72
C THR A 84 20.96 -6.76 -12.51
N GLY A 85 20.65 -6.00 -13.55
CA GLY A 85 19.57 -5.04 -13.49
C GLY A 85 18.21 -5.71 -13.27
N LYS A 86 17.94 -6.72 -14.07
CA LYS A 86 16.72 -7.51 -13.91
C LYS A 86 16.59 -8.08 -12.49
N LEU A 87 17.69 -8.56 -11.91
CA LEU A 87 17.70 -9.13 -10.57
C LEU A 87 17.44 -8.08 -9.48
N LEU A 88 18.06 -6.90 -9.58
CA LEU A 88 17.78 -5.76 -8.71
C LEU A 88 16.32 -5.31 -8.82
N VAL A 89 15.80 -5.27 -10.03
CA VAL A 89 14.39 -5.01 -10.27
C VAL A 89 13.51 -6.05 -9.61
N GLN A 90 13.89 -7.31 -9.70
CA GLN A 90 13.13 -8.37 -9.06
C GLN A 90 13.03 -8.15 -7.56
N ILE A 91 14.12 -7.74 -6.93
CA ILE A 91 14.14 -7.41 -5.51
C ILE A 91 13.21 -6.25 -5.18
N ALA A 92 13.22 -5.22 -6.01
CA ALA A 92 12.27 -4.13 -5.84
C ALA A 92 10.80 -4.56 -6.02
N LYS A 93 10.54 -5.42 -6.98
CA LYS A 93 9.20 -5.95 -7.23
C LYS A 93 8.72 -6.83 -6.07
N GLY A 94 9.63 -7.60 -5.49
CA GLY A 94 9.31 -8.36 -4.28
C GLY A 94 9.02 -7.45 -3.10
N GLN A 95 9.82 -6.42 -2.91
CA GLN A 95 9.55 -5.40 -1.91
C GLN A 95 8.16 -4.77 -2.10
N ASP A 96 7.75 -4.52 -3.35
CA ASP A 96 6.39 -4.02 -3.56
C ASP A 96 5.34 -5.09 -3.31
N GLU A 97 5.62 -6.36 -3.59
CA GLU A 97 4.60 -7.36 -3.33
C GLU A 97 4.39 -7.53 -1.83
N GLU A 98 5.45 -7.33 -1.04
CA GLU A 98 5.26 -7.32 0.40
C GLU A 98 4.49 -6.09 0.86
N THR A 99 4.69 -4.93 0.22
CA THR A 99 4.32 -3.69 0.91
C THR A 99 3.47 -2.73 0.05
N ALA A 100 3.59 -2.82 -1.29
CA ALA A 100 3.15 -1.79 -2.24
C ALA A 100 3.79 -0.43 -2.02
N ASP A 101 4.83 -0.32 -1.20
CA ASP A 101 5.22 0.97 -0.66
C ASP A 101 6.73 1.11 -0.75
N GLY A 102 7.22 2.35 -0.66
CA GLY A 102 8.67 2.58 -0.69
C GLY A 102 9.37 2.27 -2.01
N THR A 103 8.63 1.84 -3.01
CA THR A 103 9.21 1.14 -4.15
C THR A 103 10.15 2.02 -4.96
N LYS A 104 9.81 3.29 -5.14
CA LYS A 104 10.72 4.24 -5.74
C LYS A 104 11.89 4.63 -4.84
N THR A 105 11.65 4.78 -3.56
CA THR A 105 12.73 5.14 -2.65
C THR A 105 13.84 4.11 -2.67
N ALA A 106 13.50 2.83 -2.65
CA ALA A 106 14.50 1.78 -2.64
C ALA A 106 15.45 1.88 -3.82
N VAL A 107 14.91 2.00 -5.02
CA VAL A 107 15.74 2.09 -6.21
C VAL A 107 16.57 3.36 -6.21
N ILE A 108 16.01 4.49 -5.83
CA ILE A 108 16.83 5.70 -5.89
C ILE A 108 17.97 5.67 -4.88
N LEU A 109 17.69 5.22 -3.68
CA LEU A 109 18.72 5.16 -2.65
C LEU A 109 19.81 4.17 -3.04
N ALA A 110 19.42 3.03 -3.60
CA ALA A 110 20.39 2.10 -4.16
C ALA A 110 21.26 2.74 -5.22
N GLY A 111 20.65 3.50 -6.10
CA GLY A 111 21.37 4.13 -7.19
C GLY A 111 22.42 5.10 -6.71
N GLU A 112 22.07 5.93 -5.74
CA GLU A 112 23.06 6.86 -5.23
C GLU A 112 24.14 6.18 -4.39
N LEU A 113 23.78 5.16 -3.63
CA LEU A 113 24.81 4.38 -2.94
C LEU A 113 25.81 3.81 -3.92
N ALA A 114 25.33 3.27 -5.01
CA ALA A 114 26.21 2.74 -6.04
C ALA A 114 27.11 3.81 -6.65
N LYS A 115 26.55 4.95 -7.02
CA LYS A 115 27.39 5.97 -7.64
C LYS A 115 28.46 6.51 -6.68
N LYS A 116 28.11 6.81 -5.46
CA LYS A 116 29.12 7.35 -4.56
C LYS A 116 30.21 6.33 -4.28
N ALA A 117 29.89 5.06 -4.32
CA ALA A 117 30.93 4.05 -4.19
C ALA A 117 31.95 4.12 -5.32
N GLU A 118 31.54 4.49 -6.53
CA GLU A 118 32.48 4.59 -7.63
C GLU A 118 33.60 5.58 -7.36
N ASP A 119 33.31 6.62 -6.60
CA ASP A 119 34.31 7.60 -6.23
C ASP A 119 35.37 7.02 -5.29
N LEU A 120 35.11 5.90 -4.64
CA LEU A 120 36.19 5.26 -3.89
C LEU A 120 37.09 4.38 -4.74
N LEU A 121 36.57 3.75 -5.79
CA LEU A 121 37.33 2.80 -6.59
C LEU A 121 38.57 3.41 -7.25
N TYR A 122 38.59 4.71 -7.55
CA TYR A 122 39.81 5.34 -8.03
C TYR A 122 40.87 5.41 -6.96
N LYS A 123 40.51 5.33 -5.71
CA LYS A 123 41.53 5.22 -4.69
C LYS A 123 41.93 3.76 -4.45
N GLU A 124 41.43 2.80 -5.22
CA GLU A 124 41.85 1.40 -5.18
C GLU A 124 41.64 0.69 -3.83
N ILE A 125 40.67 1.12 -3.03
CA ILE A 125 40.17 0.29 -1.94
C ILE A 125 39.56 -0.98 -2.54
N HIS A 126 39.92 -2.15 -1.97
CA HIS A 126 39.40 -3.46 -2.44
C HIS A 126 37.90 -3.53 -2.16
N PRO A 127 37.03 -3.93 -3.13
CA PRO A 127 35.59 -3.88 -2.95
C PRO A 127 35.02 -4.54 -1.69
N THR A 128 35.62 -5.60 -1.17
CA THR A 128 35.15 -6.22 0.06
C THR A 128 35.14 -5.24 1.24
N ILE A 129 36.09 -4.31 1.31
CA ILE A 129 36.10 -3.32 2.39
C ILE A 129 34.89 -2.41 2.31
N ILE A 130 34.59 -1.90 1.14
CA ILE A 130 33.40 -1.09 0.98
C ILE A 130 32.16 -1.87 1.37
N VAL A 131 32.05 -3.11 0.96
CA VAL A 131 30.88 -3.89 1.36
C VAL A 131 30.83 -4.11 2.85
N SER A 132 31.98 -4.10 3.50
CA SER A 132 31.94 -4.08 4.95
C SER A 132 31.34 -2.79 5.45
N GLY A 133 31.87 -1.66 5.04
CA GLY A 133 31.40 -0.38 5.59
C GLY A 133 29.93 -0.13 5.30
N TYR A 134 29.51 -0.35 4.06
CA TYR A 134 28.12 -0.21 3.69
C TYR A 134 27.23 -1.17 4.45
N LYS A 135 27.73 -2.29 4.89
CA LYS A 135 26.90 -3.07 5.80
C LYS A 135 26.89 -2.53 7.24
N LYS A 136 28.03 -2.14 7.77
CA LYS A 136 28.14 -1.74 9.17
C LYS A 136 27.34 -0.49 9.51
N ALA A 137 27.40 0.53 8.69
CA ALA A 137 26.63 1.75 8.94
C ALA A 137 25.13 1.50 9.02
N GLU A 138 24.62 0.53 8.31
CA GLU A 138 23.19 0.26 8.25
C GLU A 138 22.67 -0.18 9.61
N GLU A 139 23.54 -0.67 10.46
CA GLU A 139 23.16 -0.90 11.86
C GLU A 139 22.82 0.40 12.58
N ILE A 140 23.63 1.43 12.40
CA ILE A 140 23.42 2.70 13.09
C ILE A 140 22.16 3.40 12.59
N ALA A 141 21.91 3.34 11.30
CA ALA A 141 20.66 3.85 10.77
C ALA A 141 19.47 3.08 11.34
N LEU A 142 19.51 1.78 11.28
CA LEU A 142 18.40 0.98 11.75
C LEU A 142 18.14 1.24 13.24
N LYS A 143 19.18 1.35 14.04
CA LYS A 143 19.00 1.74 15.44
C LYS A 143 18.40 3.15 15.58
N THR A 144 18.87 4.12 14.82
CA THR A 144 18.42 5.51 14.95
C THR A 144 16.94 5.71 14.57
N ILE A 145 16.44 5.02 13.55
CA ILE A 145 15.01 5.09 13.26
C ILE A 145 14.19 4.65 14.46
N GLN A 146 14.57 3.55 15.07
CA GLN A 146 13.85 3.05 16.23
C GLN A 146 14.01 3.94 17.43
N GLU A 147 14.98 4.84 17.42
CA GLU A 147 15.08 5.81 18.50
C GLU A 147 14.11 6.98 18.35
N ILE A 148 14.06 7.63 17.19
CA ILE A 148 13.46 8.97 17.10
C ILE A 148 11.94 8.99 16.93
N ALA A 149 11.29 7.87 16.66
CA ALA A 149 9.85 7.85 16.41
C ALA A 149 9.04 8.28 17.62
N GLN A 150 7.75 8.63 17.37
CA GLN A 150 6.70 8.84 18.37
C GLN A 150 5.59 7.80 18.29
N PRO A 151 4.99 7.46 19.42
CA PRO A 151 3.91 6.48 19.47
C PRO A 151 2.58 6.99 18.92
N VAL A 152 1.73 6.04 18.51
CA VAL A 152 0.38 6.34 18.05
C VAL A 152 -0.55 5.15 18.28
N THR A 153 -1.85 5.45 18.52
CA THR A 153 -2.87 4.45 18.85
C THR A 153 -4.16 4.76 18.07
N ILE A 154 -5.06 3.77 18.04
CA ILE A 154 -6.37 3.89 17.38
C ILE A 154 -7.14 5.13 17.82
N ASN A 155 -6.97 5.54 19.07
CA ASN A 155 -7.71 6.65 19.63
C ASN A 155 -7.37 8.00 18.99
N ASP A 156 -6.16 8.13 18.45
CA ASP A 156 -5.55 9.39 18.02
C ASP A 156 -6.01 9.85 16.63
N THR A 157 -7.33 10.07 16.55
CA THR A 157 -8.08 10.11 15.30
C THR A 157 -7.61 11.20 14.33
N ASP A 158 -7.28 12.39 14.81
CA ASP A 158 -6.78 13.46 13.94
C ASP A 158 -5.37 13.19 13.40
N VAL A 159 -4.54 12.52 14.18
CA VAL A 159 -3.24 12.05 13.70
C VAL A 159 -3.44 10.94 12.67
N LEU A 160 -4.37 10.04 12.92
CA LEU A 160 -4.74 9.07 11.89
C LEU A 160 -5.29 9.73 10.62
N ARG A 161 -6.06 10.81 10.75
CA ARG A 161 -6.56 11.59 9.61
C ARG A 161 -5.41 12.23 8.86
N LYS A 162 -4.44 12.83 9.54
CA LYS A 162 -3.22 13.30 8.88
C LYS A 162 -2.52 12.18 8.11
N VAL A 163 -2.36 11.00 8.71
CA VAL A 163 -1.76 9.83 8.05
C VAL A 163 -2.52 9.47 6.78
N ALA A 164 -3.85 9.39 6.87
CA ALA A 164 -4.70 9.05 5.74
C ALA A 164 -4.55 10.10 4.63
N LEU A 165 -4.65 11.39 4.95
CA LEU A 165 -4.48 12.50 4.01
C LEU A 165 -3.12 12.45 3.30
N THR A 166 -2.03 12.15 4.02
CA THR A 166 -0.70 12.05 3.41
C THR A 166 -0.62 10.87 2.43
N SER A 167 -1.31 9.77 2.70
CA SER A 167 -1.39 8.65 1.76
C SER A 167 -2.32 8.95 0.58
N LEU A 168 -3.36 9.74 0.80
CA LEU A 168 -4.42 10.06 -0.15
C LEU A 168 -4.03 11.16 -1.15
N GLY A 169 -3.20 12.12 -0.75
CA GLY A 169 -2.87 13.33 -1.51
C GLY A 169 -2.16 13.14 -2.85
N SER A 170 -1.80 14.25 -3.49
CA SER A 170 -1.38 14.36 -4.90
C SER A 170 -2.46 14.02 -5.93
N LYS A 171 -3.72 14.18 -5.52
CA LYS A 171 -4.91 14.32 -6.36
C LYS A 171 -5.82 15.31 -5.63
N ALA A 172 -6.24 16.39 -6.26
CA ALA A 172 -6.86 17.53 -5.56
C ALA A 172 -8.15 17.18 -4.80
N VAL A 173 -8.88 16.17 -5.27
CA VAL A 173 -10.09 15.59 -4.63
C VAL A 173 -9.81 15.06 -3.22
N ALA A 174 -8.55 14.89 -2.79
CA ALA A 174 -8.19 14.58 -1.41
C ALA A 174 -8.70 15.60 -0.36
N GLY A 175 -8.94 16.84 -0.75
CA GLY A 175 -9.57 17.84 0.11
C GLY A 175 -11.06 17.57 0.33
N ALA A 176 -11.78 17.20 -0.73
CA ALA A 176 -13.18 16.78 -0.66
C ALA A 176 -13.32 15.43 0.07
N ARG A 177 -12.44 14.46 -0.22
CA ARG A 177 -12.37 13.14 0.41
C ARG A 177 -11.85 13.17 1.86
N GLU A 178 -11.76 14.33 2.50
CA GLU A 178 -11.36 14.42 3.91
C GLU A 178 -12.39 13.77 4.86
N TYR A 179 -13.68 13.82 4.56
CA TYR A 179 -14.66 13.00 5.27
C TYR A 179 -14.57 11.51 4.89
N LEU A 180 -14.23 11.17 3.64
CA LEU A 180 -14.01 9.77 3.24
C LEU A 180 -12.81 9.16 3.97
N ALA A 181 -11.77 9.95 4.22
CA ALA A 181 -10.66 9.57 5.08
C ALA A 181 -11.13 9.25 6.50
N ASP A 182 -12.05 10.03 7.08
CA ASP A 182 -12.64 9.70 8.38
C ASP A 182 -13.46 8.39 8.36
N LEU A 183 -14.14 8.10 7.26
CA LEU A 183 -14.90 6.86 7.10
C LEU A 183 -13.99 5.62 7.16
N VAL A 184 -12.87 5.61 6.43
CA VAL A 184 -11.98 4.46 6.46
C VAL A 184 -11.22 4.35 7.79
N VAL A 185 -10.91 5.47 8.45
CA VAL A 185 -10.33 5.44 9.79
C VAL A 185 -11.26 4.82 10.84
N LYS A 186 -12.55 5.12 10.77
CA LYS A 186 -13.53 4.49 11.65
C LYS A 186 -13.85 3.04 11.27
N ALA A 187 -13.81 2.73 9.99
CA ALA A 187 -13.89 1.34 9.55
C ALA A 187 -12.72 0.52 10.08
N VAL A 188 -11.51 1.04 10.00
CA VAL A 188 -10.35 0.42 10.63
C VAL A 188 -10.55 0.27 12.14
N ALA A 189 -11.01 1.32 12.81
CA ALA A 189 -11.23 1.28 14.25
C ALA A 189 -12.24 0.21 14.64
N GLN A 190 -13.20 -0.08 13.78
CA GLN A 190 -14.11 -1.19 14.04
C GLN A 190 -13.51 -2.54 13.64
N VAL A 191 -12.70 -2.59 12.59
CA VAL A 191 -11.97 -3.79 12.20
C VAL A 191 -10.86 -4.15 13.18
N ALA A 192 -10.22 -3.16 13.78
CA ALA A 192 -9.03 -3.35 14.62
C ALA A 192 -9.31 -4.06 15.93
N GLU A 193 -8.29 -4.78 16.42
CA GLU A 193 -8.33 -5.54 17.66
C GLU A 193 -6.96 -5.42 18.33
N LEU A 194 -6.79 -6.15 19.45
CA LEU A 194 -5.47 -6.43 20.00
C LEU A 194 -5.03 -7.85 19.70
N ARG A 195 -3.77 -7.97 19.29
CA ARG A 195 -3.06 -9.22 19.23
C ARG A 195 -1.60 -9.00 19.60
N GLY A 196 -1.06 -9.92 20.40
CA GLY A 196 0.32 -9.78 20.87
C GLY A 196 0.57 -8.53 21.66
N ASP A 197 -0.44 -8.04 22.37
CA ASP A 197 -0.46 -6.76 23.07
C ASP A 197 -0.23 -5.58 22.13
N LYS A 198 -0.48 -5.77 20.85
CA LYS A 198 -0.33 -4.71 19.87
C LYS A 198 -1.66 -4.57 19.16
N TRP A 199 -1.97 -3.36 18.73
CA TRP A 199 -3.14 -3.17 17.88
C TRP A 199 -2.97 -3.92 16.58
N TYR A 200 -4.04 -4.56 16.15
CA TYR A 200 -4.02 -5.57 15.10
C TYR A 200 -5.10 -5.35 14.05
N VAL A 201 -4.72 -5.46 12.77
CA VAL A 201 -5.61 -5.21 11.63
C VAL A 201 -5.15 -6.06 10.45
N ASP A 202 -6.07 -6.37 9.54
CA ASP A 202 -5.71 -6.57 8.15
C ASP A 202 -6.82 -6.10 7.20
N LEU A 203 -6.39 -5.80 5.97
CA LEU A 203 -7.22 -5.14 4.96
C LEU A 203 -8.47 -5.93 4.61
N ASP A 204 -8.37 -7.24 4.57
CA ASP A 204 -9.34 -8.17 3.99
C ASP A 204 -10.59 -8.33 4.83
N ASN A 205 -10.63 -7.69 5.99
CA ASN A 205 -11.87 -7.51 6.73
C ASN A 205 -12.78 -6.42 6.18
N VAL A 206 -12.28 -5.53 5.33
CA VAL A 206 -13.10 -4.43 4.80
C VAL A 206 -13.64 -4.80 3.43
N GLN A 207 -14.97 -4.76 3.31
CA GLN A 207 -15.69 -4.86 2.05
C GLN A 207 -15.81 -3.50 1.38
N ILE A 208 -15.71 -3.48 0.04
CA ILE A 208 -15.95 -2.28 -0.76
C ILE A 208 -16.93 -2.58 -1.89
N VAL A 209 -17.82 -1.62 -2.16
CA VAL A 209 -18.80 -1.70 -3.24
C VAL A 209 -18.80 -0.43 -4.07
N LYS A 210 -19.18 -0.57 -5.33
CA LYS A 210 -18.71 0.31 -6.41
C LYS A 210 -19.75 0.39 -7.53
N LYS A 211 -20.38 1.57 -7.66
CA LYS A 211 -21.34 1.87 -8.72
C LYS A 211 -21.04 3.24 -9.31
N HIS A 212 -21.53 3.47 -10.53
CA HIS A 212 -21.30 4.71 -11.24
C HIS A 212 -22.40 5.74 -11.02
N GLY A 213 -22.20 6.92 -11.60
CA GLY A 213 -23.20 7.97 -11.61
C GLY A 213 -23.39 8.71 -10.32
N GLY A 214 -22.54 8.48 -9.33
CA GLY A 214 -22.61 9.17 -8.05
C GLY A 214 -21.56 10.25 -7.89
N SER A 215 -21.11 10.41 -6.64
CA SER A 215 -20.23 11.49 -6.25
C SER A 215 -19.59 11.11 -4.91
N VAL A 216 -18.59 11.88 -4.48
CA VAL A 216 -17.94 11.68 -3.17
C VAL A 216 -18.96 11.77 -2.03
N ASN A 217 -19.98 12.61 -2.21
CA ASN A 217 -21.09 12.75 -1.27
C ASN A 217 -21.93 11.47 -1.12
N ASP A 218 -21.92 10.54 -2.08
CA ASP A 218 -22.65 9.28 -1.93
C ASP A 218 -22.00 8.31 -0.95
N THR A 219 -20.70 8.48 -0.68
CA THR A 219 -19.88 7.50 0.02
C THR A 219 -20.28 7.31 1.50
N GLN A 220 -20.16 6.08 2.01
CA GLN A 220 -20.68 5.70 3.32
C GLN A 220 -19.80 4.63 3.95
N LEU A 221 -19.98 4.44 5.27
CA LEU A 221 -19.64 3.21 5.98
C LEU A 221 -20.87 2.56 6.59
N VAL A 222 -20.78 1.23 6.73
CA VAL A 222 -21.96 0.41 6.98
C VAL A 222 -21.92 -0.37 8.29
N TYR A 223 -20.76 -0.64 8.87
CA TYR A 223 -20.69 -1.59 9.98
C TYR A 223 -21.37 -2.92 9.66
N GLY A 224 -21.42 -3.29 8.39
CA GLY A 224 -22.12 -4.48 7.97
C GLY A 224 -21.72 -4.89 6.58
N ILE A 225 -22.52 -5.76 5.96
CA ILE A 225 -22.24 -6.27 4.63
C ILE A 225 -23.19 -5.64 3.63
N VAL A 226 -22.64 -5.15 2.52
CA VAL A 226 -23.43 -4.62 1.43
C VAL A 226 -23.44 -5.58 0.24
N VAL A 227 -24.63 -5.79 -0.33
CA VAL A 227 -24.85 -6.67 -1.48
C VAL A 227 -25.29 -5.80 -2.65
N ASP A 228 -24.40 -5.58 -3.61
CA ASP A 228 -24.58 -4.53 -4.61
C ASP A 228 -25.49 -4.92 -5.77
N LYS A 229 -26.60 -5.60 -5.50
CA LYS A 229 -27.41 -6.28 -6.52
C LYS A 229 -28.84 -5.74 -6.48
N GLU A 230 -29.49 -5.69 -7.66
CA GLU A 230 -30.90 -5.29 -7.75
C GLU A 230 -31.78 -6.52 -7.97
N VAL A 231 -32.85 -6.64 -7.17
CA VAL A 231 -33.85 -7.69 -7.36
C VAL A 231 -34.75 -7.37 -8.55
N GLY A 235 -42.29 -8.50 -6.27
CA GLY A 235 -43.07 -9.18 -5.25
C GLY A 235 -42.36 -9.45 -3.93
N MET A 236 -41.02 -9.34 -3.87
CA MET A 236 -40.24 -9.58 -2.66
C MET A 236 -40.15 -8.36 -1.74
N PRO A 237 -40.00 -8.60 -0.45
CA PRO A 237 -40.11 -7.52 0.55
C PRO A 237 -38.89 -6.60 0.63
N LYS A 238 -39.19 -5.33 0.92
CA LYS A 238 -38.14 -4.33 1.12
C LYS A 238 -37.41 -4.45 2.45
N ARG A 239 -38.05 -4.97 3.50
CA ARG A 239 -37.39 -5.04 4.81
C ARG A 239 -37.65 -6.35 5.54
N ILE A 240 -36.59 -6.88 6.16
CA ILE A 240 -36.63 -8.09 6.96
C ILE A 240 -35.84 -7.85 8.25
N GLU A 241 -36.30 -8.45 9.35
CA GLU A 241 -35.65 -8.23 10.63
C GLU A 241 -35.56 -9.51 11.45
N ASN A 242 -34.53 -9.58 12.29
CA ASN A 242 -34.27 -10.63 13.27
C ASN A 242 -34.35 -12.05 12.68
N ALA A 243 -33.55 -12.27 11.64
CA ALA A 243 -33.78 -13.36 10.71
C ALA A 243 -32.44 -14.06 10.42
N LYS A 244 -32.53 -15.23 9.79
CA LYS A 244 -31.39 -15.98 9.29
C LYS A 244 -31.20 -15.84 7.78
N ILE A 245 -30.04 -16.32 7.30
CA ILE A 245 -29.59 -16.19 5.92
C ILE A 245 -29.16 -17.54 5.36
N ALA A 246 -29.64 -17.85 4.16
CA ALA A 246 -29.18 -18.99 3.35
C ALA A 246 -28.21 -18.55 2.25
N LEU A 247 -27.01 -19.13 2.25
CA LEU A 247 -26.00 -18.92 1.22
C LEU A 247 -25.91 -20.14 0.32
N LEU A 248 -25.89 -19.90 -1.00
CA LEU A 248 -26.01 -20.99 -1.96
C LEU A 248 -24.95 -20.93 -3.05
N ASP A 249 -24.29 -22.05 -3.30
CA ASP A 249 -23.39 -22.19 -4.44
C ASP A 249 -24.15 -22.33 -5.76
N ALA A 250 -23.80 -21.40 -6.66
CA ALA A 250 -24.50 -21.28 -7.96
C ALA A 250 -25.94 -20.86 -7.68
N SER A 251 -26.86 -21.13 -8.59
CA SER A 251 -28.28 -20.89 -8.35
C SER A 251 -28.75 -21.65 -7.11
N LEU A 252 -29.94 -21.27 -6.64
CA LEU A 252 -30.71 -22.00 -5.66
C LEU A 252 -30.93 -23.47 -6.01
N GLN A 270 -36.96 -42.49 -13.90
CA GLN A 270 -38.20 -42.21 -13.16
C GLN A 270 -38.66 -40.76 -13.32
N MET A 271 -38.98 -40.42 -14.57
CA MET A 271 -38.93 -39.03 -15.03
C MET A 271 -39.85 -38.11 -14.22
N HIS A 272 -41.14 -38.48 -14.08
CA HIS A 272 -42.06 -37.66 -13.27
C HIS A 272 -41.74 -37.69 -11.78
N LYS A 273 -41.29 -38.82 -11.26
CA LYS A 273 -40.93 -38.93 -9.85
C LYS A 273 -39.72 -38.07 -9.48
N PHE A 274 -38.71 -38.01 -10.36
CA PHE A 274 -37.53 -37.14 -10.21
C PHE A 274 -37.76 -35.70 -10.64
N LEU A 275 -38.72 -35.43 -11.50
CA LEU A 275 -39.19 -34.06 -11.74
C LEU A 275 -39.70 -33.41 -10.46
N GLU A 276 -40.63 -34.07 -9.76
CA GLU A 276 -41.25 -33.54 -8.54
C GLU A 276 -40.29 -33.47 -7.35
N GLU A 277 -39.33 -34.38 -7.26
CA GLU A 277 -38.26 -34.27 -6.26
C GLU A 277 -37.53 -32.92 -6.30
N GLU A 278 -37.42 -32.30 -7.46
CA GLU A 278 -36.79 -30.97 -7.62
C GLU A 278 -37.78 -29.82 -7.49
N GLU A 279 -39.07 -30.12 -7.35
CA GLU A 279 -40.02 -29.21 -6.73
C GLU A 279 -40.00 -29.31 -5.21
N ASN A 280 -39.99 -30.52 -4.68
CA ASN A 280 -39.95 -30.74 -3.23
C ASN A 280 -38.75 -30.07 -2.56
N ILE A 281 -37.59 -30.07 -3.21
CA ILE A 281 -36.37 -29.42 -2.71
C ILE A 281 -36.53 -27.91 -2.44
N LEU A 282 -37.56 -27.28 -2.96
CA LEU A 282 -37.89 -25.91 -2.56
C LEU A 282 -38.60 -25.82 -1.21
N LYS A 283 -39.68 -26.57 -1.03
CA LYS A 283 -40.38 -26.64 0.27
C LYS A 283 -39.54 -27.31 1.36
N GLU A 284 -38.61 -28.20 1.00
CA GLU A 284 -37.62 -28.75 1.94
C GLU A 284 -36.69 -27.69 2.52
N LYS A 285 -36.56 -26.55 1.84
CA LYS A 285 -35.93 -25.37 2.42
C LYS A 285 -36.84 -24.71 3.46
N VAL A 286 -38.12 -24.60 3.17
CA VAL A 286 -39.09 -24.06 4.14
C VAL A 286 -39.17 -24.93 5.39
N ASP A 287 -39.31 -26.24 5.20
CA ASP A 287 -39.59 -27.24 6.23
C ASP A 287 -38.63 -27.20 7.42
N LYS A 288 -37.44 -26.77 7.23
CA LYS A 288 -36.56 -26.57 8.39
C LYS A 288 -35.90 -25.21 8.44
N ILE A 289 -35.53 -24.65 7.30
CA ILE A 289 -34.74 -23.45 7.25
C ILE A 289 -35.62 -22.20 7.32
N ALA A 290 -36.83 -22.23 6.74
CA ALA A 290 -37.75 -21.14 6.99
C ALA A 290 -38.39 -21.22 8.38
N ALA A 291 -38.65 -22.42 8.89
CA ALA A 291 -39.18 -22.57 10.23
C ALA A 291 -38.23 -22.02 11.29
N THR A 292 -36.93 -21.96 10.99
CA THR A 292 -35.96 -21.28 11.85
C THR A 292 -35.65 -19.85 11.40
N GLY A 293 -36.41 -19.28 10.45
CA GLY A 293 -36.36 -17.84 10.19
C GLY A 293 -35.45 -17.29 9.11
N ALA A 294 -34.94 -18.14 8.21
CA ALA A 294 -34.03 -17.74 7.12
C ALA A 294 -34.78 -16.95 6.04
N ASN A 295 -35.07 -15.69 6.34
CA ASN A 295 -35.90 -14.83 5.50
C ASN A 295 -35.20 -14.29 4.25
N VAL A 296 -33.91 -14.52 4.05
CA VAL A 296 -33.25 -14.10 2.82
C VAL A 296 -32.42 -15.24 2.23
N VAL A 297 -32.51 -15.38 0.91
CA VAL A 297 -31.97 -16.49 0.13
C VAL A 297 -31.04 -15.91 -0.94
N ILE A 298 -29.74 -16.14 -0.78
CA ILE A 298 -28.69 -15.47 -1.56
C ILE A 298 -27.98 -16.48 -2.46
N CYS A 299 -28.04 -16.26 -3.78
CA CYS A 299 -27.63 -17.21 -4.80
C CYS A 299 -26.55 -16.60 -5.71
N GLN A 300 -25.52 -17.41 -6.00
CA GLN A 300 -24.40 -17.00 -6.85
C GLN A 300 -24.77 -16.80 -8.32
N GLU A 305 -36.51 -20.86 -10.91
CA GLU A 305 -37.56 -19.91 -11.29
C GLU A 305 -38.87 -20.07 -10.50
N VAL A 306 -39.20 -21.28 -10.06
CA VAL A 306 -40.39 -21.49 -9.24
C VAL A 306 -40.29 -20.78 -7.88
N ALA A 307 -39.08 -20.62 -7.36
CA ALA A 307 -38.86 -19.92 -6.10
C ALA A 307 -39.10 -18.41 -6.19
N GLN A 308 -38.95 -17.82 -7.37
CA GLN A 308 -39.19 -16.39 -7.54
C GLN A 308 -40.65 -16.03 -7.29
N HIS A 309 -41.57 -16.88 -7.72
CA HIS A 309 -42.98 -16.76 -7.37
C HIS A 309 -43.27 -17.21 -5.94
N TYR A 310 -42.82 -18.43 -5.62
CA TYR A 310 -43.10 -19.04 -4.30
C TYR A 310 -42.61 -18.16 -3.13
N LEU A 311 -41.34 -17.76 -3.15
CA LEU A 311 -40.81 -16.97 -2.03
C LEU A 311 -41.45 -15.58 -1.94
N ALA A 312 -41.76 -14.96 -3.08
CA ALA A 312 -42.54 -13.73 -3.06
C ALA A 312 -43.92 -13.97 -2.45
N LYS A 313 -44.55 -15.10 -2.79
CA LYS A 313 -45.81 -15.51 -2.16
C LYS A 313 -45.68 -15.68 -0.66
N ILE A 316 -40.56 -13.76 1.22
CA ILE A 316 -39.18 -14.09 1.52
C ILE A 316 -38.31 -13.55 0.39
N LEU A 317 -37.15 -13.02 0.74
CA LEU A 317 -36.29 -12.32 -0.22
C LEU A 317 -35.26 -13.27 -0.83
N ALA A 318 -35.16 -13.23 -2.16
CA ALA A 318 -34.10 -13.91 -2.90
C ALA A 318 -33.24 -12.92 -3.67
N VAL A 319 -31.92 -13.11 -3.61
CA VAL A 319 -30.91 -12.16 -4.07
C VAL A 319 -29.95 -12.84 -5.05
N ARG A 320 -29.75 -12.23 -6.22
CA ARG A 320 -29.08 -12.82 -7.36
C ARG A 320 -27.58 -12.48 -7.41
N LYS A 324 -18.51 -15.39 -5.15
CA LYS A 324 -17.75 -16.17 -4.17
C LYS A 324 -17.15 -15.36 -3.04
N SER A 325 -16.60 -14.19 -3.35
CA SER A 325 -16.09 -13.28 -2.32
C SER A 325 -17.20 -12.69 -1.47
N ASP A 326 -18.35 -12.39 -2.07
CA ASP A 326 -19.49 -11.94 -1.28
C ASP A 326 -19.98 -13.02 -0.33
N LEU A 327 -20.08 -14.25 -0.82
CA LEU A 327 -20.48 -15.40 0.01
C LEU A 327 -19.48 -15.72 1.12
N GLU A 328 -18.19 -15.47 0.88
CA GLU A 328 -17.17 -15.53 1.93
C GLU A 328 -17.30 -14.39 2.96
N LYS A 329 -17.53 -13.17 2.50
CA LYS A 329 -17.76 -12.04 3.39
C LYS A 329 -19.03 -12.22 4.25
N LEU A 330 -20.10 -12.69 3.65
CA LEU A 330 -21.31 -13.09 4.37
C LEU A 330 -21.06 -14.26 5.31
N ALA A 331 -20.24 -15.22 4.93
CA ALA A 331 -19.88 -16.30 5.85
C ALA A 331 -19.10 -15.78 7.06
N ARG A 332 -18.22 -14.81 6.83
CA ARG A 332 -17.50 -14.14 7.92
C ARG A 332 -18.45 -13.34 8.83
N ALA A 333 -19.37 -12.58 8.26
CA ALA A 333 -20.24 -11.73 9.08
C ALA A 333 -21.37 -12.51 9.73
N THR A 334 -22.05 -13.39 9.00
CA THR A 334 -23.26 -14.03 9.48
C THR A 334 -23.03 -15.36 10.17
N GLY A 335 -21.83 -15.95 10.07
CA GLY A 335 -21.65 -17.33 10.50
C GLY A 335 -22.19 -18.39 9.58
N GLY A 336 -22.86 -18.01 8.51
CA GLY A 336 -23.37 -18.95 7.53
C GLY A 336 -22.30 -19.56 6.66
N ARG A 337 -22.74 -20.56 5.88
CA ARG A 337 -21.89 -21.32 4.97
C ARG A 337 -22.72 -21.59 3.73
N VAL A 338 -22.03 -21.81 2.61
CA VAL A 338 -22.73 -22.24 1.41
C VAL A 338 -23.30 -23.64 1.58
N LEU A 345 -29.58 -30.09 -0.46
CA LEU A 345 -29.51 -29.10 0.61
C LEU A 345 -29.14 -29.77 1.92
N THR A 346 -28.74 -28.93 2.89
CA THR A 346 -28.69 -29.31 4.30
C THR A 346 -29.51 -28.34 5.13
N SER A 347 -29.98 -28.82 6.28
CA SER A 347 -30.67 -27.95 7.22
C SER A 347 -29.70 -27.03 7.99
N GLN A 348 -28.42 -27.42 7.98
CA GLN A 348 -27.32 -26.65 8.64
C GLN A 348 -26.79 -25.56 7.71
N ASP A 349 -25.64 -25.00 8.06
CA ASP A 349 -24.92 -23.97 7.27
C ASP A 349 -25.52 -22.56 7.33
N LEU A 350 -26.45 -22.28 8.23
CA LEU A 350 -27.22 -21.05 8.26
C LEU A 350 -26.46 -19.87 8.85
N GLY A 351 -26.68 -18.68 8.26
CA GLY A 351 -26.25 -17.41 8.82
C GLY A 351 -27.35 -16.66 9.57
N TYR A 352 -26.92 -15.63 10.33
CA TYR A 352 -27.80 -14.83 11.18
C TYR A 352 -27.53 -13.34 10.99
N ALA A 353 -28.60 -12.54 10.97
CA ALA A 353 -28.45 -11.09 11.10
C ALA A 353 -29.71 -10.46 11.68
N ALA A 354 -29.51 -9.32 12.36
CA ALA A 354 -30.61 -8.54 12.94
C ALA A 354 -31.46 -7.80 11.90
N LEU A 355 -30.87 -7.38 10.78
CA LEU A 355 -31.60 -6.58 9.79
C LEU A 355 -31.14 -6.91 8.37
N VAL A 356 -32.11 -7.00 7.46
CA VAL A 356 -31.87 -7.14 6.02
C VAL A 356 -32.79 -6.19 5.25
N GLU A 357 -32.22 -5.47 4.27
CA GLU A 357 -32.97 -4.48 3.52
C GLU A 357 -32.51 -4.44 2.06
N GLU A 358 -33.40 -3.99 1.20
CA GLU A 358 -33.10 -3.40 -0.10
C GLU A 358 -33.51 -1.94 -0.10
N ARG A 359 -32.61 -1.07 -0.57
CA ARG A 359 -32.86 0.36 -0.54
C ARG A 359 -32.25 1.05 -1.75
N LYS A 360 -32.85 2.18 -2.11
CA LYS A 360 -32.33 3.05 -3.16
C LYS A 360 -31.03 3.71 -2.74
N VAL A 361 -30.04 3.66 -3.64
CA VAL A 361 -28.74 4.28 -3.41
C VAL A 361 -28.30 5.03 -4.65
N GLY A 362 -28.56 6.33 -4.67
CA GLY A 362 -28.32 7.14 -5.85
C GLY A 362 -29.18 6.73 -7.01
N GLU A 363 -28.54 6.30 -8.09
CA GLU A 363 -29.29 5.94 -9.29
C GLU A 363 -30.06 4.63 -9.16
N ASP A 364 -29.70 3.74 -8.23
CA ASP A 364 -30.33 2.43 -8.24
C ASP A 364 -30.32 1.78 -6.86
N LYS A 365 -31.12 0.71 -6.75
CA LYS A 365 -31.29 -0.07 -5.53
C LYS A 365 -30.06 -0.90 -5.17
N MET A 366 -29.93 -1.16 -3.87
CA MET A 366 -28.90 -2.02 -3.31
C MET A 366 -29.44 -2.76 -2.08
N VAL A 367 -28.85 -3.94 -1.81
CA VAL A 367 -29.25 -4.83 -0.73
C VAL A 367 -28.19 -4.81 0.38
N PHE A 368 -28.65 -4.96 1.62
CA PHE A 368 -27.83 -4.83 2.83
C PHE A 368 -28.13 -5.92 3.84
N VAL A 369 -27.07 -6.40 4.49
CA VAL A 369 -27.16 -7.30 5.64
C VAL A 369 -26.47 -6.64 6.83
N GLU A 370 -27.24 -6.38 7.88
CA GLU A 370 -26.85 -5.50 8.96
C GLU A 370 -27.17 -6.13 10.31
N ASN A 374 -21.41 -11.58 13.39
CA ASN A 374 -20.08 -11.06 13.67
C ASN A 374 -19.95 -9.61 13.21
N PRO A 375 -19.59 -8.69 14.10
CA PRO A 375 -19.40 -7.28 13.72
C PRO A 375 -17.99 -6.90 13.28
N LYS A 376 -17.06 -7.84 13.19
CA LYS A 376 -15.66 -7.55 12.95
C LYS A 376 -15.30 -7.41 11.47
N SER A 377 -16.27 -7.36 10.58
CA SER A 377 -16.05 -6.99 9.18
C SER A 377 -16.97 -5.83 8.82
N VAL A 378 -16.48 -4.91 7.99
CA VAL A 378 -17.16 -3.66 7.70
C VAL A 378 -17.10 -3.36 6.22
N SER A 379 -18.26 -3.06 5.62
CA SER A 379 -18.37 -2.52 4.28
C SER A 379 -18.29 -1.00 4.28
N ILE A 380 -17.66 -0.45 3.24
CA ILE A 380 -17.78 0.94 2.84
C ILE A 380 -18.36 1.01 1.44
N LEU A 381 -19.16 2.06 1.20
CA LEU A 381 -19.95 2.20 -0.01
C LEU A 381 -19.38 3.32 -0.87
N ILE A 382 -19.04 3.00 -2.12
CA ILE A 382 -18.67 3.98 -3.12
C ILE A 382 -19.70 3.98 -4.25
N ARG A 383 -20.29 5.14 -4.52
CA ARG A 383 -20.94 5.38 -5.80
C ARG A 383 -20.26 6.57 -6.50
N GLY A 384 -19.24 6.29 -7.31
CA GLY A 384 -18.52 7.31 -8.04
C GLY A 384 -19.25 7.75 -9.31
N GLY A 385 -18.76 8.84 -9.89
CA GLY A 385 -19.35 9.32 -11.14
C GLY A 385 -19.10 8.39 -12.31
N LEU A 386 -17.92 7.79 -12.38
CA LEU A 386 -17.52 6.98 -13.52
C LEU A 386 -16.66 5.81 -13.07
N GLU A 387 -16.57 4.80 -13.94
CA GLU A 387 -15.63 3.68 -13.79
C GLU A 387 -14.17 4.12 -13.68
N ARG A 388 -13.83 5.29 -14.22
CA ARG A 388 -12.49 5.87 -14.05
C ARG A 388 -12.20 6.17 -12.59
N VAL A 389 -13.20 6.70 -11.88
CA VAL A 389 -13.13 7.03 -10.45
C VAL A 389 -13.01 5.77 -9.61
N VAL A 390 -13.74 4.70 -9.93
CA VAL A 390 -13.62 3.42 -9.22
C VAL A 390 -12.21 2.84 -9.38
N ASP A 391 -11.72 2.82 -10.61
CA ASP A 391 -10.38 2.33 -10.86
C ASP A 391 -9.34 3.08 -10.03
N GLU A 392 -9.33 4.43 -10.04
CA GLU A 392 -8.39 5.19 -9.22
C GLU A 392 -8.69 5.12 -7.72
N THR A 393 -9.94 4.87 -7.34
CA THR A 393 -10.32 4.68 -5.93
C THR A 393 -9.69 3.42 -5.36
N GLU A 394 -9.37 2.37 -6.15
CA GLU A 394 -8.52 1.31 -5.58
C GLU A 394 -7.15 1.85 -5.19
N ARG A 395 -6.49 2.49 -6.16
CA ARG A 395 -5.11 2.99 -6.11
C ARG A 395 -4.92 4.07 -5.04
N ALA A 396 -5.99 4.79 -4.71
CA ALA A 396 -6.08 5.73 -3.59
C ALA A 396 -6.47 5.03 -2.28
N LEU A 397 -7.68 4.46 -2.21
CA LEU A 397 -8.35 4.12 -0.96
C LEU A 397 -7.82 2.82 -0.34
N ARG A 398 -7.68 1.75 -1.13
CA ARG A 398 -7.11 0.50 -0.62
C ARG A 398 -5.63 0.63 -0.23
N ASP A 399 -4.93 1.51 -0.96
CA ASP A 399 -3.52 1.83 -0.64
C ASP A 399 -3.48 2.63 0.67
N ALA A 400 -4.35 3.64 0.83
CA ALA A 400 -4.45 4.40 2.06
C ALA A 400 -4.80 3.52 3.26
N LEU A 401 -5.82 2.67 3.15
CA LEU A 401 -6.15 1.67 4.15
C LEU A 401 -4.97 0.80 4.54
N GLY A 402 -4.22 0.30 3.57
CA GLY A 402 -3.02 -0.49 3.87
C GLY A 402 -1.92 0.30 4.56
N THR A 403 -1.77 1.56 4.16
CA THR A 403 -0.83 2.51 4.77
C THR A 403 -1.17 2.72 6.24
N VAL A 404 -2.46 2.92 6.56
CA VAL A 404 -2.92 3.08 7.93
C VAL A 404 -2.70 1.80 8.70
N ALA A 405 -3.08 0.65 8.13
CA ALA A 405 -2.86 -0.62 8.82
C ALA A 405 -1.40 -0.83 9.19
N ASP A 406 -0.47 -0.46 8.32
CA ASP A 406 0.95 -0.55 8.63
C ASP A 406 1.37 0.41 9.72
N VAL A 407 0.65 1.51 9.87
CA VAL A 407 0.85 2.33 11.05
C VAL A 407 0.30 1.63 12.27
N ILE A 408 -0.93 1.14 12.19
CA ILE A 408 -1.53 0.49 13.35
C ILE A 408 -0.64 -0.62 13.86
N ARG A 409 -0.13 -1.45 12.96
CA ARG A 409 0.73 -2.55 13.39
C ARG A 409 2.15 -2.10 13.72
N ASP A 410 2.52 -0.86 13.44
CA ASP A 410 3.78 -0.37 14.00
C ASP A 410 3.61 0.29 15.36
N GLY A 411 2.49 0.96 15.60
CA GLY A 411 2.33 1.69 16.85
C GLY A 411 3.26 2.86 17.04
N ARG A 412 4.00 3.26 16.02
CA ARG A 412 4.98 4.32 16.19
C ARG A 412 5.04 5.04 14.85
N ALA A 413 5.55 6.26 14.85
CA ALA A 413 5.55 6.97 13.58
C ALA A 413 6.68 7.97 13.48
N VAL A 414 7.01 8.35 12.25
CA VAL A 414 8.12 9.24 11.96
C VAL A 414 7.70 10.31 10.98
N ALA A 415 8.43 11.42 11.02
CA ALA A 415 8.25 12.44 10.00
C ALA A 415 8.69 11.92 8.64
N GLY A 416 8.37 12.69 7.61
CA GLY A 416 8.67 12.32 6.24
C GLY A 416 9.35 13.35 5.37
N GLY A 417 9.61 14.52 5.91
CA GLY A 417 10.10 15.57 5.06
C GLY A 417 11.52 15.46 4.59
N GLY A 418 11.99 14.23 4.44
CA GLY A 418 13.41 14.06 4.33
C GLY A 418 14.16 14.26 5.61
N ALA A 419 13.48 14.60 6.68
CA ALA A 419 14.19 15.00 7.89
C ALA A 419 14.64 13.81 8.70
N VAL A 420 13.91 12.71 8.62
CA VAL A 420 14.43 11.44 9.11
C VAL A 420 15.76 11.13 8.48
N GLU A 421 15.83 11.23 7.18
CA GLU A 421 17.10 11.00 6.50
C GLU A 421 18.21 11.96 6.93
N ILE A 422 17.94 13.25 7.04
CA ILE A 422 19.01 14.13 7.50
C ILE A 422 19.47 13.83 8.93
N GLU A 423 18.57 13.42 9.81
CA GLU A 423 18.98 13.09 11.17
C GLU A 423 19.84 11.84 11.20
N ILE A 424 19.52 10.85 10.37
CA ILE A 424 20.42 9.73 10.24
C ILE A 424 21.80 10.20 9.81
N ALA A 425 21.86 11.11 8.87
CA ALA A 425 23.17 11.62 8.45
C ALA A 425 23.94 12.23 9.60
N LYS A 426 23.25 12.87 10.52
CA LYS A 426 23.96 13.42 11.68
C LYS A 426 24.37 12.37 12.72
N ARG A 427 23.65 11.29 12.89
CA ARG A 427 24.22 10.25 13.75
C ARG A 427 25.46 9.63 13.09
N LEU A 428 25.37 9.34 11.80
CA LEU A 428 26.46 8.64 11.12
C LEU A 428 27.77 9.39 11.24
N ARG A 429 27.79 10.67 10.93
CA ARG A 429 29.08 11.39 11.05
C ARG A 429 29.65 11.48 12.45
N LYS A 430 28.92 11.09 13.47
CA LYS A 430 29.45 10.91 14.82
C LYS A 430 29.84 9.47 15.17
N TYR A 431 29.30 8.47 14.50
CA TYR A 431 29.77 7.10 14.70
C TYR A 431 31.08 6.81 13.96
N ALA A 432 31.24 7.32 12.76
CA ALA A 432 32.37 6.96 11.90
C ALA A 432 33.77 7.19 12.46
N PRO A 433 34.08 8.27 13.15
CA PRO A 433 35.41 8.39 13.78
C PRO A 433 35.73 7.35 14.83
N GLN A 434 34.76 6.67 15.41
CA GLN A 434 35.15 5.59 16.32
C GLN A 434 35.71 4.39 15.57
N VAL A 435 35.26 4.12 14.35
CA VAL A 435 35.74 2.95 13.60
C VAL A 435 37.14 3.19 13.04
N GLY A 436 37.35 4.33 12.40
CA GLY A 436 38.71 4.78 12.13
C GLY A 436 39.59 4.07 11.11
N GLY A 437 39.33 2.81 10.79
CA GLY A 437 40.07 2.14 9.73
C GLY A 437 39.72 2.68 8.35
N LYS A 438 40.26 2.02 7.33
CA LYS A 438 39.90 2.36 5.95
C LYS A 438 38.41 2.31 5.76
N GLU A 439 37.74 1.47 6.52
CA GLU A 439 36.29 1.43 6.55
C GLU A 439 35.65 2.80 6.78
N GLN A 440 36.35 3.71 7.45
CA GLN A 440 35.80 5.05 7.66
C GLN A 440 35.43 5.77 6.36
N LEU A 441 36.22 5.64 5.32
CA LEU A 441 35.89 6.31 4.06
C LEU A 441 34.62 5.77 3.44
N ALA A 442 34.27 4.55 3.76
CA ALA A 442 33.00 4.03 3.30
C ALA A 442 31.79 4.56 4.07
N ILE A 443 31.85 4.70 5.38
CA ILE A 443 30.73 5.23 6.15
C ILE A 443 30.52 6.72 5.92
N GLU A 444 31.58 7.48 5.82
CA GLU A 444 31.43 8.88 5.47
C GLU A 444 30.79 9.03 4.09
N ALA A 445 31.18 8.19 3.16
CA ALA A 445 30.51 8.17 1.86
C ALA A 445 29.03 7.83 2.00
N TYR A 446 28.68 6.83 2.79
CA TYR A 446 27.27 6.45 2.93
C TYR A 446 26.43 7.58 3.48
N ALA A 447 26.94 8.27 4.48
CA ALA A 447 26.22 9.42 5.01
C ALA A 447 26.07 10.51 3.96
N ASN A 448 27.11 10.79 3.20
CA ASN A 448 26.98 11.78 2.14
C ASN A 448 26.01 11.35 1.05
N ALA A 449 25.93 10.07 0.74
CA ALA A 449 25.03 9.59 -0.31
C ALA A 449 23.57 9.63 0.13
N ILE A 450 23.27 9.28 1.37
CA ILE A 450 21.89 9.39 1.83
C ILE A 450 21.49 10.84 2.03
N GLU A 451 22.40 11.71 2.41
CA GLU A 451 22.15 13.15 2.35
C GLU A 451 21.87 13.59 0.92
N GLY A 452 22.42 12.89 -0.05
CA GLY A 452 22.11 13.06 -1.48
C GLY A 452 20.66 12.76 -1.90
N LEU A 453 19.83 12.18 -1.05
CA LEU A 453 18.42 11.99 -1.41
C LEU A 453 17.62 13.31 -1.47
N ILE A 454 17.58 14.07 -0.38
CA ILE A 454 16.71 15.24 -0.34
C ILE A 454 17.19 16.29 -1.33
N MET A 455 18.47 16.27 -1.64
CA MET A 455 18.97 17.12 -2.72
C MET A 455 18.24 16.88 -4.02
N ILE A 456 17.79 15.67 -4.29
CA ILE A 456 16.96 15.41 -5.46
C ILE A 456 15.53 15.86 -5.23
N LEU A 457 15.02 15.55 -4.06
CA LEU A 457 13.63 15.91 -3.77
C LEU A 457 13.38 17.40 -3.89
N ALA A 458 14.30 18.22 -3.44
CA ALA A 458 14.14 19.67 -3.62
C ALA A 458 14.17 20.08 -5.09
N GLU A 459 14.92 19.39 -5.92
CA GLU A 459 15.04 19.73 -7.32
C GLU A 459 13.75 19.47 -8.07
N ASN A 460 12.97 18.49 -7.65
CA ASN A 460 11.63 18.31 -8.21
C ASN A 460 10.66 19.41 -7.76
N ALA A 461 10.97 20.17 -6.72
CA ALA A 461 10.24 21.38 -6.42
C ALA A 461 10.89 22.64 -7.00
N GLY A 462 11.81 22.48 -7.92
CA GLY A 462 12.37 23.59 -8.64
C GLY A 462 13.25 24.51 -7.88
N LEU A 463 13.49 24.24 -6.61
CA LEU A 463 14.39 25.09 -5.87
C LEU A 463 15.80 24.82 -6.34
N ASP A 464 16.66 25.78 -6.12
CA ASP A 464 18.08 25.54 -6.29
C ASP A 464 18.61 24.69 -5.14
N PRO A 465 19.00 23.45 -5.38
CA PRO A 465 19.13 22.47 -4.31
C PRO A 465 20.24 22.72 -3.33
N ILE A 466 21.40 23.15 -3.79
CA ILE A 466 22.56 23.25 -2.91
C ILE A 466 22.32 24.26 -1.84
N ASP A 467 21.77 25.39 -2.20
CA ASP A 467 21.54 26.46 -1.25
C ASP A 467 20.50 26.08 -0.20
N LYS A 468 19.44 25.42 -0.61
CA LYS A 468 18.47 24.94 0.37
C LYS A 468 19.04 23.82 1.22
N LEU A 469 19.89 22.98 0.67
CA LEU A 469 20.52 21.96 1.49
C LEU A 469 21.38 22.55 2.60
N MET A 470 22.24 23.48 2.27
CA MET A 470 23.09 24.10 3.29
C MET A 470 22.27 24.85 4.32
N GLN A 471 21.26 25.57 3.89
CA GLN A 471 20.40 26.24 4.85
C GLN A 471 19.73 25.24 5.78
N LEU A 472 19.22 24.15 5.24
CA LEU A 472 18.59 23.13 6.06
C LEU A 472 19.57 22.52 7.06
N ARG A 473 20.75 22.13 6.60
CA ARG A 473 21.72 21.52 7.51
C ARG A 473 22.17 22.49 8.58
N SER A 474 22.32 23.76 8.23
CA SER A 474 22.62 24.78 9.22
C SER A 474 21.54 24.91 10.29
N LEU A 475 20.28 24.83 9.89
CA LEU A 475 19.19 24.84 10.88
C LEU A 475 19.14 23.56 11.70
N HIS A 476 19.44 22.43 11.11
CA HIS A 476 19.42 21.17 11.82
C HIS A 476 20.59 21.04 12.77
N GLU A 477 21.72 21.64 12.44
CA GLU A 477 22.93 21.60 13.26
C GLU A 477 22.69 22.08 14.68
N ASN A 478 22.00 23.20 14.84
CA ASN A 478 21.77 23.74 16.16
C ASN A 478 20.74 22.96 16.98
N GLU A 479 20.24 21.84 16.46
CA GLU A 479 19.16 21.05 17.04
C GLU A 479 17.87 21.82 17.22
N THR A 480 17.68 22.81 16.36
CA THR A 480 16.59 23.78 16.47
C THR A 480 15.27 23.06 16.46
N ASN A 481 15.20 21.94 15.78
CA ASN A 481 14.01 21.14 15.70
C ASN A 481 14.38 19.69 15.55
N LYS A 482 13.47 18.83 15.99
CA LYS A 482 13.50 17.44 15.61
C LYS A 482 12.98 17.23 14.21
N TRP A 483 12.14 18.11 13.73
CA TRP A 483 11.43 17.89 12.49
C TRP A 483 11.49 19.03 11.48
N TYR A 484 12.58 19.79 11.41
CA TYR A 484 12.75 20.63 10.24
C TYR A 484 13.10 19.83 8.99
N GLY A 485 12.41 20.17 7.91
CA GLY A 485 12.65 19.57 6.62
C GLY A 485 12.20 20.52 5.52
N LEU A 486 12.03 19.98 4.33
CA LEU A 486 11.90 20.79 3.13
C LEU A 486 10.50 20.67 2.55
N ASN A 487 9.79 21.80 2.53
CA ASN A 487 8.41 21.92 2.04
C ASN A 487 8.34 22.14 0.53
N LEU A 488 7.63 21.26 -0.16
CA LEU A 488 7.62 21.22 -1.61
C LEU A 488 6.71 22.25 -2.25
N PHE A 489 5.85 22.91 -1.49
CA PHE A 489 4.96 23.91 -2.05
C PHE A 489 5.40 25.32 -1.73
N THR A 490 5.73 25.59 -0.48
CA THR A 490 6.25 26.90 -0.16
C THR A 490 7.70 27.01 -0.56
N GLY A 491 8.36 25.88 -0.78
CA GLY A 491 9.75 25.96 -1.18
C GLY A 491 10.69 26.38 -0.09
N ASN A 492 10.37 26.05 1.16
CA ASN A 492 11.10 26.63 2.27
C ASN A 492 11.38 25.57 3.31
N PRO A 493 12.36 25.81 4.17
CA PRO A 493 12.57 24.99 5.34
C PRO A 493 11.50 25.27 6.38
N GLU A 494 10.76 24.24 6.77
CA GLU A 494 9.61 24.38 7.62
C GLU A 494 9.49 23.16 8.53
N ASP A 495 8.66 23.29 9.56
CA ASP A 495 8.33 22.17 10.44
C ASP A 495 7.41 21.18 9.75
N MET A 496 7.95 20.00 9.45
CA MET A 496 7.23 19.02 8.66
C MET A 496 6.13 18.33 9.44
N TRP A 497 6.18 18.39 10.77
CA TRP A 497 5.17 17.71 11.59
C TRP A 497 3.92 18.53 11.73
N LYS A 498 4.06 19.83 11.96
CA LYS A 498 2.91 20.70 12.00
C LYS A 498 2.26 20.83 10.64
N LEU A 499 3.03 20.68 9.57
CA LEU A 499 2.42 20.56 8.27
C LEU A 499 1.65 19.26 8.10
N GLY A 500 1.81 18.29 9.01
CA GLY A 500 1.00 17.08 8.97
C GLY A 500 1.43 15.96 8.05
N VAL A 501 2.69 15.89 7.65
CA VAL A 501 3.19 14.93 6.68
C VAL A 501 3.81 13.73 7.38
N ILE A 502 3.16 12.57 7.36
CA ILE A 502 3.53 11.48 8.26
C ILE A 502 3.82 10.20 7.49
N GLU A 503 4.84 9.45 7.92
CA GLU A 503 5.07 8.13 7.37
C GLU A 503 5.35 7.09 8.43
N PRO A 504 4.97 5.85 8.17
CA PRO A 504 5.36 4.74 9.05
C PRO A 504 6.85 4.42 9.00
N ALA A 505 7.41 4.19 10.19
CA ALA A 505 8.82 3.82 10.34
C ALA A 505 9.19 2.53 9.61
N LEU A 506 8.26 1.56 9.58
CA LEU A 506 8.47 0.36 8.79
C LEU A 506 8.85 0.64 7.34
N VAL A 507 8.23 1.61 6.72
CA VAL A 507 8.49 1.89 5.31
C VAL A 507 9.93 2.38 5.10
N LYS A 508 10.44 3.16 6.03
CA LYS A 508 11.85 3.55 6.00
C LYS A 508 12.76 2.35 6.20
N MET A 509 12.48 1.56 7.22
CA MET A 509 13.30 0.37 7.45
C MET A 509 13.36 -0.51 6.20
N ASN A 510 12.23 -0.90 5.66
CA ASN A 510 12.24 -1.74 4.45
C ASN A 510 12.86 -1.05 3.25
N ALA A 511 12.78 0.26 3.14
CA ALA A 511 13.47 0.92 2.06
C ALA A 511 14.99 0.83 2.23
N VAL A 512 15.51 1.26 3.35
CA VAL A 512 16.96 1.26 3.56
C VAL A 512 17.50 -0.16 3.49
N LYS A 513 16.78 -1.12 4.04
CA LYS A 513 17.16 -2.53 3.91
C LYS A 513 17.24 -3.00 2.47
N ALA A 514 16.19 -2.83 1.69
CA ALA A 514 16.23 -3.29 0.31
C ALA A 514 17.31 -2.61 -0.51
N ALA A 515 17.58 -1.35 -0.25
CA ALA A 515 18.66 -0.67 -0.95
C ALA A 515 20.02 -1.28 -0.66
N THR A 516 20.33 -1.52 0.60
CA THR A 516 21.64 -2.05 0.95
C THR A 516 21.81 -3.47 0.45
N GLU A 517 20.75 -4.26 0.50
CA GLU A 517 20.76 -5.59 -0.11
C GLU A 517 21.05 -5.52 -1.60
N ALA A 518 20.45 -4.59 -2.30
CA ALA A 518 20.67 -4.50 -3.74
C ALA A 518 22.10 -4.10 -4.05
N VAL A 519 22.61 -3.06 -3.43
CA VAL A 519 23.94 -2.62 -3.83
C VAL A 519 25.00 -3.63 -3.43
N THR A 520 24.85 -4.41 -2.35
CA THR A 520 25.83 -5.47 -2.07
C THR A 520 25.84 -6.51 -3.18
N LEU A 521 24.69 -6.90 -3.70
CA LEU A 521 24.60 -7.85 -4.81
C LEU A 521 25.19 -7.32 -6.13
N VAL A 522 25.41 -6.01 -6.27
CA VAL A 522 26.22 -5.46 -7.36
C VAL A 522 27.71 -5.57 -7.05
N LEU A 523 28.17 -4.93 -5.97
CA LEU A 523 29.61 -4.84 -5.68
C LEU A 523 30.28 -6.19 -5.45
N ARG A 524 29.54 -7.17 -4.95
CA ARG A 524 30.06 -8.49 -4.59
C ARG A 524 30.33 -9.40 -5.80
N ILE A 525 29.95 -9.02 -7.01
CA ILE A 525 30.14 -9.84 -8.21
C ILE A 525 31.38 -9.41 -8.97
N ASP A 526 32.33 -10.32 -9.17
CA ASP A 526 33.56 -10.08 -9.94
C ASP A 526 33.43 -10.40 -11.42
N ASP A 527 32.79 -11.52 -11.74
CA ASP A 527 32.82 -12.20 -13.04
C ASP A 527 31.43 -12.70 -13.46
N ILE A 528 31.17 -12.65 -14.76
CA ILE A 528 29.96 -13.14 -15.39
C ILE A 528 30.39 -14.09 -16.49
N VAL A 529 29.74 -15.25 -16.57
CA VAL A 529 29.89 -16.18 -17.68
C VAL A 529 28.53 -16.66 -18.15
N ALA A 530 28.36 -16.81 -19.46
CA ALA A 530 27.11 -17.14 -20.13
C ALA A 530 27.34 -18.32 -21.08
N ALA A 531 26.42 -19.30 -21.08
CA ALA A 531 26.66 -20.62 -21.65
C ALA A 531 25.50 -21.12 -22.49
PB ADP B . 5.47 6.34 -2.73
O1B ADP B . 5.76 4.92 -2.35
O2B ADP B . 4.40 6.96 -1.89
O3B ADP B . 5.26 6.54 -4.20
PA ADP B . 6.85 8.71 -2.76
O1A ADP B . 5.66 9.36 -2.16
O2A ADP B . 7.07 8.84 -4.22
O3A ADP B . 6.78 7.18 -2.38
O5' ADP B . 8.16 9.17 -1.97
C5' ADP B . 8.09 9.19 -0.53
C4' ADP B . 9.05 10.22 -0.02
O4' ADP B . 8.52 11.53 -0.34
C3' ADP B . 9.22 10.25 1.50
O3' ADP B . 10.35 11.04 1.84
C2' ADP B . 7.97 11.04 1.86
O2' ADP B . 7.97 11.51 3.19
C1' ADP B . 8.12 12.17 0.86
N9 ADP B . 6.91 12.92 0.62
C8 ADP B . 5.77 12.46 0.02
N7 ADP B . 4.82 13.36 -0.05
C5 ADP B . 5.37 14.49 0.54
C6 ADP B . 4.86 15.78 0.77
N6 ADP B . 3.63 16.16 0.42
N1 ADP B . 5.67 16.67 1.38
C2 ADP B . 6.90 16.27 1.74
N3 ADP B . 7.48 15.09 1.58
C4 ADP B . 6.65 14.23 0.96
#